data_5UPV
#
_entry.id   5UPV
#
_cell.length_a   88.128
_cell.length_b   88.128
_cell.length_c   84.364
_cell.angle_alpha   90.00
_cell.angle_beta   90.00
_cell.angle_gamma   90.00
#
_symmetry.space_group_name_H-M   'I 4'
#
loop_
_entity.id
_entity.type
_entity.pdbx_description
1 polymer "Inosine-5'-monophosphate dehydrogenase"
2 non-polymer 'INOSINIC ACID'
3 non-polymer "N-{(1S)-1-[3-methoxy-4-(1,3-oxazol-5-yl)phenyl]ethyl}-N'-phenylurea"
4 non-polymer 'FORMIC ACID'
5 non-polymer 1,2-ETHANEDIOL
6 water water
#
_entity_poly.entity_id   1
_entity_poly.type   'polypeptide(L)'
_entity_poly.pdbx_seq_one_letter_code
;SNAMSRGMSGLEDSSDLVVSPYVRMGGLTTDPVPTGGDDPHKVAMLGLTFDDVLLLPAASDVVPATADTSSQLTKKIRLK
VPLVSSAMDTVTESRMAIAMARAGGMGVLHRNLPVAEQAGQVEMVKRSGGLLVGAAVGVGGDAWVRAMMLVDAGVDVLVV
DTAHAHNRLVLDMVGKLKSEVGDRVEVVGGNVATRSAAAALVDAGADAVKVGVGPGSICTTRVVAGVGAPQITAILEAVA
ACRPAGVPVIADGGLQYSGDIAKALAAGASTAMLGSLLAGTAEAPGELIFVNGKQYKSYRGMGSLGAMRGRGGATSYSKD
RYFADDALSEDKLVPEGIEGRVPFRGPLSSVIHQLTGGLRAAMGYTGSPTIEVLQQAQFVRITPAGLKESHPHDVAMTVE
APNYYAR
;
_entity_poly.pdbx_strand_id   A
#
# COMPACT_ATOMS: atom_id res chain seq x y z
N THR A 30 -6.01 44.66 6.14
CA THR A 30 -6.49 43.29 6.22
C THR A 30 -5.53 42.42 7.04
N ASP A 31 -6.10 41.50 7.85
CA ASP A 31 -5.33 40.73 8.81
C ASP A 31 -4.57 39.60 8.13
N PRO A 32 -3.36 39.29 8.57
CA PRO A 32 -2.62 38.17 7.99
C PRO A 32 -3.29 36.85 8.31
N VAL A 33 -2.96 35.84 7.51
CA VAL A 33 -3.24 34.45 7.83
C VAL A 33 -2.62 34.19 9.20
N PRO A 34 -3.31 33.53 10.13
CA PRO A 34 -2.75 33.40 11.49
C PRO A 34 -1.46 32.58 11.56
N THR A 35 -1.17 31.75 10.55
CA THR A 35 0.13 31.06 10.51
C THR A 35 1.17 31.80 9.69
N GLY A 36 0.85 32.97 9.16
CA GLY A 36 1.87 33.77 8.50
C GLY A 36 1.62 34.13 7.04
N GLY A 37 2.00 35.34 6.67
CA GLY A 37 1.81 35.82 5.31
C GLY A 37 0.36 36.19 5.06
N ASP A 38 0.08 36.55 3.81
CA ASP A 38 -1.25 37.00 3.42
C ASP A 38 -1.95 36.05 2.46
N ASP A 39 -1.41 34.85 2.24
CA ASP A 39 -1.97 33.89 1.30
C ASP A 39 -2.65 32.75 2.05
N PRO A 40 -3.98 32.68 2.10
CA PRO A 40 -4.66 31.61 2.85
C PRO A 40 -4.48 30.23 2.26
N HIS A 41 -3.95 30.12 1.05
CA HIS A 41 -3.73 28.82 0.42
C HIS A 41 -2.28 28.37 0.45
N LYS A 42 -1.39 29.17 1.05
CA LYS A 42 0.01 28.77 1.17
C LYS A 42 0.16 27.49 1.98
N VAL A 43 -0.49 27.44 3.14
CA VAL A 43 -0.65 26.21 3.91
C VAL A 43 -2.04 25.70 3.53
N ALA A 44 -2.08 24.73 2.63
CA ALA A 44 -3.29 24.43 1.87
C ALA A 44 -4.25 23.48 2.58
N MET A 45 -3.75 22.62 3.45
CA MET A 45 -4.53 21.57 4.08
C MET A 45 -3.96 21.26 5.45
N LEU A 46 -4.77 20.62 6.29
CA LEU A 46 -4.30 20.01 7.53
C LEU A 46 -4.30 18.50 7.29
N GLY A 47 -3.11 17.89 7.27
CA GLY A 47 -2.99 16.50 6.87
C GLY A 47 -3.05 15.58 8.08
N LEU A 48 -3.97 14.62 8.03
CA LEU A 48 -4.13 13.61 9.07
C LEU A 48 -3.46 12.32 8.63
N THR A 49 -2.82 11.63 9.57
CA THR A 49 -2.28 10.29 9.36
C THR A 49 -3.13 9.28 10.14
N PHE A 50 -2.75 8.00 10.06
CA PHE A 50 -3.57 6.96 10.68
C PHE A 50 -3.76 7.20 12.17
N ASP A 51 -2.69 7.56 12.87
CA ASP A 51 -2.77 7.77 14.31
C ASP A 51 -3.62 8.99 14.69
N ASP A 52 -4.01 9.84 13.74
CA ASP A 52 -4.86 10.98 14.07
C ASP A 52 -6.35 10.64 14.17
N VAL A 53 -6.78 9.46 13.77
CA VAL A 53 -8.22 9.17 13.70
C VAL A 53 -8.51 7.79 14.27
N LEU A 54 -9.73 7.63 14.78
CA LEU A 54 -10.29 6.33 15.08
C LEU A 54 -11.60 6.19 14.32
N LEU A 55 -11.95 4.94 13.99
CA LEU A 55 -13.26 4.65 13.42
C LEU A 55 -14.33 4.66 14.52
N LEU A 56 -15.44 5.32 14.24
CA LEU A 56 -16.54 5.34 15.21
C LEU A 56 -17.40 4.07 15.09
N PRO A 57 -17.75 3.45 16.22
CA PRO A 57 -18.76 2.39 16.19
C PRO A 57 -20.08 2.91 15.66
N ALA A 58 -20.81 2.03 14.98
CA ALA A 58 -22.11 2.39 14.41
C ALA A 58 -23.04 1.19 14.55
N ALA A 59 -24.33 1.42 14.29
CA ALA A 59 -25.32 0.36 14.34
C ALA A 59 -24.89 -0.79 13.45
N SER A 60 -24.95 -2.02 13.98
CA SER A 60 -24.34 -3.15 13.29
C SER A 60 -25.11 -4.44 13.48
N ASP A 61 -25.34 -5.14 12.36
CA ASP A 61 -25.73 -6.55 12.37
C ASP A 61 -24.59 -7.44 11.92
N VAL A 62 -23.38 -6.91 11.87
CA VAL A 62 -22.19 -7.60 11.37
C VAL A 62 -21.39 -8.08 12.56
N VAL A 63 -20.95 -9.33 12.51
CA VAL A 63 -19.93 -9.83 13.43
C VAL A 63 -18.71 -10.18 12.59
N PRO A 64 -17.54 -10.29 13.21
CA PRO A 64 -16.34 -10.55 12.40
C PRO A 64 -16.49 -11.77 11.49
N ALA A 65 -17.20 -12.80 11.95
CA ALA A 65 -17.35 -14.00 11.14
C ALA A 65 -18.13 -13.74 9.85
N THR A 66 -19.09 -12.81 9.85
CA THR A 66 -19.95 -12.70 8.69
C THR A 66 -19.53 -11.59 7.74
N ALA A 67 -18.54 -10.78 8.11
CA ALA A 67 -18.03 -9.72 7.25
C ALA A 67 -17.47 -10.32 5.95
N ASP A 68 -17.60 -9.56 4.87
CA ASP A 68 -17.08 -9.94 3.55
C ASP A 68 -15.93 -8.99 3.25
N THR A 69 -14.70 -9.50 3.23
CA THR A 69 -13.53 -8.64 3.07
C THR A 69 -13.10 -8.44 1.62
N SER A 70 -13.85 -8.95 0.65
CA SER A 70 -13.44 -8.82 -0.75
C SER A 70 -13.48 -7.37 -1.22
N SER A 71 -12.66 -7.05 -2.23
CA SER A 71 -12.55 -5.66 -2.64
C SER A 71 -11.81 -5.61 -3.98
N GLN A 72 -12.08 -4.56 -4.75
CA GLN A 72 -11.41 -4.38 -6.04
C GLN A 72 -9.96 -3.95 -5.84
N LEU A 73 -9.04 -4.73 -6.42
CA LEU A 73 -7.66 -4.26 -6.59
C LEU A 73 -7.58 -3.27 -7.74
N THR A 74 -8.21 -3.62 -8.87
CA THR A 74 -8.27 -2.79 -10.07
C THR A 74 -9.70 -2.82 -10.58
N LYS A 75 -9.95 -2.10 -11.67
CA LYS A 75 -11.30 -2.11 -12.25
C LYS A 75 -11.79 -3.52 -12.50
N LYS A 76 -10.92 -4.42 -12.96
CA LYS A 76 -11.36 -5.75 -13.34
C LYS A 76 -11.05 -6.84 -12.32
N ILE A 77 -10.12 -6.61 -11.39
CA ILE A 77 -9.63 -7.66 -10.50
C ILE A 77 -10.14 -7.40 -9.08
N ARG A 78 -10.88 -8.38 -8.54
CA ARG A 78 -11.36 -8.37 -7.16
C ARG A 78 -10.62 -9.42 -6.34
N LEU A 79 -10.10 -9.02 -5.17
CA LEU A 79 -9.38 -9.90 -4.27
C LEU A 79 -10.29 -10.34 -3.11
N LYS A 80 -10.08 -11.56 -2.61
CA LYS A 80 -10.81 -12.03 -1.44
C LYS A 80 -10.40 -11.27 -0.17
N VAL A 81 -9.14 -10.88 -0.09
CA VAL A 81 -8.54 -10.18 1.05
C VAL A 81 -7.87 -8.93 0.47
N PRO A 82 -8.16 -7.71 1.00
CA PRO A 82 -7.83 -6.47 0.29
C PRO A 82 -6.41 -6.00 0.56
N LEU A 83 -5.44 -6.89 0.42
CA LEU A 83 -4.07 -6.67 0.82
C LEU A 83 -3.12 -7.09 -0.29
N VAL A 84 -2.12 -6.25 -0.56
N VAL A 84 -2.10 -6.27 -0.52
CA VAL A 84 -1.07 -6.59 -1.51
CA VAL A 84 -1.07 -6.56 -1.52
C VAL A 84 0.27 -6.31 -0.87
C VAL A 84 0.29 -6.28 -0.90
N SER A 85 1.29 -7.10 -1.23
CA SER A 85 2.64 -6.91 -0.70
C SER A 85 3.45 -5.95 -1.56
N SER A 86 4.29 -5.15 -0.91
CA SER A 86 5.06 -4.11 -1.59
C SER A 86 6.05 -4.69 -2.59
N ALA A 87 6.29 -3.91 -3.65
CA ALA A 87 7.25 -4.27 -4.69
C ALA A 87 8.66 -3.88 -4.23
N MET A 88 9.16 -4.64 -3.26
CA MET A 88 10.43 -4.35 -2.62
C MET A 88 11.27 -5.62 -2.55
N ASP A 89 12.59 -5.47 -2.69
CA ASP A 89 13.44 -6.65 -2.73
C ASP A 89 13.68 -7.26 -1.36
N THR A 90 13.10 -6.72 -0.29
CA THR A 90 13.03 -7.42 0.98
C THR A 90 11.59 -7.78 1.36
N VAL A 91 10.66 -7.72 0.40
CA VAL A 91 9.27 -8.07 0.70
C VAL A 91 8.74 -9.13 -0.27
N THR A 92 8.80 -8.85 -1.58
CA THR A 92 8.08 -9.69 -2.55
C THR A 92 8.95 -10.25 -3.67
N GLU A 93 9.31 -11.53 -3.56
CA GLU A 93 9.70 -12.34 -4.71
C GLU A 93 8.69 -13.47 -4.81
N SER A 94 9.02 -14.57 -5.51
CA SER A 94 7.98 -15.51 -5.90
C SER A 94 7.30 -16.16 -4.69
N ARG A 95 8.05 -16.51 -3.65
CA ARG A 95 7.40 -17.18 -2.51
C ARG A 95 6.38 -16.28 -1.83
N MET A 96 6.68 -14.98 -1.71
CA MET A 96 5.71 -14.07 -1.12
C MET A 96 4.49 -13.90 -2.02
N ALA A 97 4.72 -13.82 -3.34
CA ALA A 97 3.62 -13.66 -4.28
C ALA A 97 2.69 -14.88 -4.24
N ILE A 98 3.26 -16.08 -4.21
CA ILE A 98 2.45 -17.29 -4.11
C ILE A 98 1.65 -17.29 -2.81
N ALA A 99 2.33 -16.98 -1.70
CA ALA A 99 1.65 -17.03 -0.41
C ALA A 99 0.56 -15.98 -0.31
N MET A 100 0.81 -14.78 -0.85
CA MET A 100 -0.20 -13.73 -0.81
C MET A 100 -1.42 -14.12 -1.62
N ALA A 101 -1.21 -14.66 -2.82
CA ALA A 101 -2.35 -15.08 -3.63
C ALA A 101 -3.13 -16.20 -2.96
N ARG A 102 -2.43 -17.17 -2.37
CA ARG A 102 -3.13 -18.26 -1.69
C ARG A 102 -3.93 -17.76 -0.50
N ALA A 103 -3.48 -16.69 0.14
CA ALA A 103 -4.21 -16.08 1.25
C ALA A 103 -5.34 -15.18 0.79
N GLY A 104 -5.53 -14.98 -0.51
CA GLY A 104 -6.62 -14.17 -0.99
C GLY A 104 -6.24 -12.77 -1.41
N GLY A 105 -4.98 -12.38 -1.26
CA GLY A 105 -4.49 -11.08 -1.72
C GLY A 105 -3.62 -11.23 -2.95
N MET A 106 -2.56 -10.42 -3.05
CA MET A 106 -1.69 -10.50 -4.22
C MET A 106 -0.32 -9.94 -3.86
N GLY A 107 0.71 -10.40 -4.57
CA GLY A 107 2.05 -9.85 -4.45
C GLY A 107 2.37 -9.01 -5.67
N VAL A 108 3.15 -7.95 -5.49
CA VAL A 108 3.70 -7.22 -6.62
C VAL A 108 5.19 -7.47 -6.60
N LEU A 109 5.67 -8.21 -7.60
CA LEU A 109 7.08 -8.54 -7.69
C LEU A 109 7.93 -7.30 -7.93
N HIS A 110 9.02 -7.17 -7.17
CA HIS A 110 9.87 -5.98 -7.29
C HIS A 110 10.68 -6.03 -8.58
N ARG A 111 11.23 -4.87 -8.96
CA ARG A 111 11.92 -4.74 -10.24
C ARG A 111 13.42 -4.48 -10.09
N ASN A 112 13.99 -4.75 -8.91
CA ASN A 112 15.43 -4.55 -8.71
C ASN A 112 16.21 -5.82 -9.02
N LEU A 113 16.04 -6.29 -10.25
CA LEU A 113 16.64 -7.52 -10.72
C LEU A 113 16.49 -7.59 -12.24
N PRO A 114 17.25 -8.45 -12.92
CA PRO A 114 17.18 -8.50 -14.38
C PRO A 114 15.77 -8.81 -14.87
N VAL A 115 15.46 -8.30 -16.06
CA VAL A 115 14.14 -8.51 -16.66
C VAL A 115 13.82 -10.00 -16.73
N ALA A 116 14.78 -10.80 -17.19
CA ALA A 116 14.55 -12.23 -17.35
C ALA A 116 14.25 -12.90 -16.02
N GLU A 117 14.86 -12.44 -14.94
CA GLU A 117 14.59 -13.03 -13.63
C GLU A 117 13.23 -12.61 -13.10
N GLN A 118 12.86 -11.34 -13.28
CA GLN A 118 11.54 -10.91 -12.83
C GLN A 118 10.44 -11.65 -13.60
N ALA A 119 10.64 -11.83 -14.91
CA ALA A 119 9.69 -12.59 -15.71
C ALA A 119 9.66 -14.04 -15.29
N GLY A 120 10.84 -14.60 -14.97
CA GLY A 120 10.89 -15.95 -14.44
C GLY A 120 10.09 -16.12 -13.17
N GLN A 121 10.12 -15.13 -12.28
CA GLN A 121 9.36 -15.25 -11.05
C GLN A 121 7.86 -15.16 -11.31
N VAL A 122 7.45 -14.36 -12.30
CA VAL A 122 6.05 -14.39 -12.73
C VAL A 122 5.65 -15.79 -13.14
N GLU A 123 6.49 -16.46 -13.94
CA GLU A 123 6.18 -17.82 -14.36
C GLU A 123 6.13 -18.77 -13.18
N MET A 124 7.01 -18.59 -12.20
CA MET A 124 6.98 -19.47 -11.03
C MET A 124 5.66 -19.35 -10.28
N VAL A 125 5.15 -18.13 -10.13
CA VAL A 125 3.84 -17.95 -9.49
C VAL A 125 2.75 -18.59 -10.33
N LYS A 126 2.79 -18.37 -11.65
CA LYS A 126 1.75 -18.90 -12.53
C LYS A 126 1.72 -20.43 -12.52
N ARG A 127 2.88 -21.07 -12.39
CA ARG A 127 2.91 -22.53 -12.37
C ARG A 127 2.40 -23.10 -11.05
N SER A 128 2.06 -22.27 -10.06
CA SER A 128 1.59 -22.74 -8.77
C SER A 128 0.08 -22.69 -8.65
N GLY A 129 -0.64 -22.74 -9.77
CA GLY A 129 -2.09 -22.85 -9.71
C GLY A 129 -2.87 -21.70 -10.32
N GLY A 130 -2.26 -20.98 -11.25
CA GLY A 130 -2.96 -19.86 -11.85
C GLY A 130 -3.25 -18.73 -10.88
N LEU A 131 -2.39 -18.57 -9.87
CA LEU A 131 -2.52 -17.51 -8.90
C LEU A 131 -2.36 -16.14 -9.56
N LEU A 132 -3.04 -15.14 -9.01
CA LEU A 132 -2.85 -13.76 -9.47
C LEU A 132 -1.47 -13.26 -9.09
N VAL A 133 -0.88 -12.41 -9.94
CA VAL A 133 0.40 -11.79 -9.61
C VAL A 133 0.52 -10.46 -10.33
N GLY A 134 1.20 -9.51 -9.68
CA GLY A 134 1.58 -8.26 -10.29
C GLY A 134 3.10 -8.11 -10.30
N ALA A 135 3.55 -7.11 -11.04
CA ALA A 135 4.97 -6.84 -11.14
C ALA A 135 5.17 -5.37 -11.42
N ALA A 136 6.18 -4.78 -10.80
CA ALA A 136 6.47 -3.36 -10.98
C ALA A 136 7.37 -3.13 -12.18
N VAL A 137 7.17 -1.99 -12.83
CA VAL A 137 8.06 -1.48 -13.87
C VAL A 137 8.23 0.01 -13.64
N GLY A 138 9.31 0.55 -14.18
CA GLY A 138 9.55 1.98 -14.13
C GLY A 138 9.00 2.69 -15.35
N VAL A 139 9.73 3.70 -15.84
CA VAL A 139 9.31 4.51 -16.98
C VAL A 139 10.46 4.59 -17.97
N GLY A 140 10.15 4.47 -19.26
CA GLY A 140 11.16 4.58 -20.30
C GLY A 140 11.30 3.32 -21.13
N GLY A 141 12.30 3.33 -22.00
CA GLY A 141 12.47 2.23 -22.95
C GLY A 141 12.78 0.91 -22.27
N ASP A 142 13.69 0.92 -21.28
CA ASP A 142 14.02 -0.33 -20.58
C ASP A 142 12.82 -0.86 -19.80
N ALA A 143 12.09 0.02 -19.12
CA ALA A 143 10.87 -0.40 -18.43
C ALA A 143 9.83 -0.94 -19.41
N TRP A 144 9.82 -0.43 -20.64
CA TRP A 144 8.89 -0.96 -21.65
C TRP A 144 9.24 -2.39 -22.02
N VAL A 145 10.53 -2.66 -22.27
CA VAL A 145 10.95 -4.03 -22.56
C VAL A 145 10.60 -4.94 -21.40
N ARG A 146 10.83 -4.47 -20.17
CA ARG A 146 10.48 -5.26 -18.99
C ARG A 146 8.99 -5.55 -18.96
N ALA A 147 8.16 -4.52 -19.18
CA ALA A 147 6.71 -4.72 -19.16
C ALA A 147 6.28 -5.75 -20.22
N MET A 148 6.86 -5.69 -21.42
CA MET A 148 6.45 -6.61 -22.48
C MET A 148 6.79 -8.05 -22.11
N MET A 149 7.95 -8.28 -21.50
CA MET A 149 8.30 -9.65 -21.13
C MET A 149 7.48 -10.14 -19.94
N LEU A 150 7.11 -9.24 -19.02
CA LEU A 150 6.22 -9.61 -17.94
C LEU A 150 4.85 -10.01 -18.47
N VAL A 151 4.32 -9.28 -19.46
CA VAL A 151 3.05 -9.65 -20.06
C VAL A 151 3.16 -11.01 -20.73
N ASP A 152 4.24 -11.25 -21.47
CA ASP A 152 4.44 -12.54 -22.13
C ASP A 152 4.56 -13.67 -21.11
N ALA A 153 5.04 -13.37 -19.92
CA ALA A 153 5.17 -14.38 -18.86
C ALA A 153 3.84 -14.67 -18.16
N GLY A 154 2.80 -13.88 -18.44
CA GLY A 154 1.49 -14.11 -17.86
C GLY A 154 1.08 -13.20 -16.72
N VAL A 155 1.77 -12.08 -16.51
CA VAL A 155 1.45 -11.22 -15.37
C VAL A 155 0.04 -10.67 -15.51
N ASP A 156 -0.67 -10.55 -14.39
CA ASP A 156 -2.04 -10.06 -14.39
C ASP A 156 -2.12 -8.54 -14.23
N VAL A 157 -1.15 -7.94 -13.54
CA VAL A 157 -1.16 -6.52 -13.20
C VAL A 157 0.25 -5.98 -13.41
N LEU A 158 0.37 -4.93 -14.22
CA LEU A 158 1.57 -4.12 -14.26
C LEU A 158 1.41 -2.92 -13.34
N VAL A 159 2.41 -2.66 -12.52
CA VAL A 159 2.40 -1.51 -11.62
C VAL A 159 3.48 -0.56 -12.08
N VAL A 160 3.08 0.55 -12.72
CA VAL A 160 4.03 1.62 -13.04
C VAL A 160 4.36 2.31 -11.72
N ASP A 161 5.60 2.12 -11.25
CA ASP A 161 5.94 2.35 -9.85
C ASP A 161 7.01 3.42 -9.77
N THR A 162 6.64 4.62 -9.34
CA THR A 162 7.55 5.76 -9.37
C THR A 162 7.40 6.57 -8.08
N ALA A 163 8.44 7.33 -7.76
CA ALA A 163 8.40 8.19 -6.58
C ALA A 163 7.38 9.30 -6.74
N HIS A 164 7.17 9.80 -7.96
CA HIS A 164 6.32 10.96 -8.18
C HIS A 164 5.62 10.77 -9.52
N ALA A 165 4.38 10.27 -9.48
CA ALA A 165 3.67 9.90 -10.70
C ALA A 165 3.05 11.10 -11.42
N HIS A 166 3.04 12.28 -10.80
CA HIS A 166 2.42 13.46 -11.41
C HIS A 166 3.39 14.12 -12.39
N ASN A 167 3.62 13.42 -13.50
CA ASN A 167 4.66 13.75 -14.46
C ASN A 167 4.22 13.14 -15.78
N ARG A 168 4.35 13.91 -16.87
CA ARG A 168 3.79 13.46 -18.14
C ARG A 168 4.46 12.18 -18.64
N LEU A 169 5.75 11.98 -18.32
CA LEU A 169 6.41 10.74 -18.71
C LEU A 169 5.78 9.53 -18.04
N VAL A 170 5.41 9.67 -16.76
CA VAL A 170 4.74 8.57 -16.06
C VAL A 170 3.33 8.37 -16.61
N LEU A 171 2.60 9.45 -16.81
CA LEU A 171 1.27 9.36 -17.39
C LEU A 171 1.32 8.73 -18.77
N ASP A 172 2.32 9.11 -19.59
CA ASP A 172 2.49 8.50 -20.91
C ASP A 172 2.71 7.00 -20.82
N MET A 173 3.55 6.57 -19.86
CA MET A 173 3.82 5.15 -19.68
C MET A 173 2.53 4.39 -19.39
N VAL A 174 1.73 4.89 -18.45
CA VAL A 174 0.47 4.25 -18.09
C VAL A 174 -0.44 4.16 -19.31
N GLY A 175 -0.59 5.26 -20.04
CA GLY A 175 -1.51 5.25 -21.17
C GLY A 175 -1.03 4.38 -22.31
N LYS A 176 0.28 4.32 -22.53
CA LYS A 176 0.80 3.50 -23.61
C LYS A 176 0.69 2.02 -23.27
N LEU A 177 0.94 1.65 -22.02
CA LEU A 177 0.69 0.27 -21.60
C LEU A 177 -0.79 -0.07 -21.77
N LYS A 178 -1.68 0.82 -21.31
CA LYS A 178 -3.10 0.56 -21.47
C LYS A 178 -3.46 0.43 -22.95
N SER A 179 -2.85 1.25 -23.81
CA SER A 179 -3.15 1.19 -25.24
C SER A 179 -2.68 -0.12 -25.86
N GLU A 180 -1.51 -0.60 -25.47
CA GLU A 180 -0.91 -1.71 -26.21
C GLU A 180 -1.25 -3.06 -25.63
N VAL A 181 -1.31 -3.18 -24.30
CA VAL A 181 -1.53 -4.49 -23.68
C VAL A 181 -2.72 -4.45 -22.72
N GLY A 182 -3.46 -3.34 -22.72
CA GLY A 182 -4.52 -3.15 -21.73
C GLY A 182 -5.68 -4.12 -21.84
N ASP A 183 -5.83 -4.79 -22.98
CA ASP A 183 -6.84 -5.84 -23.10
C ASP A 183 -6.45 -7.04 -22.24
N ARG A 184 -5.15 -7.32 -22.17
CA ARG A 184 -4.64 -8.51 -21.49
C ARG A 184 -4.29 -8.28 -20.04
N VAL A 185 -3.83 -7.08 -19.68
N VAL A 185 -3.89 -7.06 -19.67
CA VAL A 185 -3.31 -6.84 -18.34
CA VAL A 185 -3.27 -6.78 -18.38
C VAL A 185 -3.89 -5.55 -17.78
C VAL A 185 -3.88 -5.53 -17.78
N GLU A 186 -4.05 -5.52 -16.45
CA GLU A 186 -4.45 -4.32 -15.74
C GLU A 186 -3.21 -3.47 -15.45
N VAL A 187 -3.40 -2.16 -15.44
CA VAL A 187 -2.29 -1.21 -15.34
C VAL A 187 -2.55 -0.26 -14.19
N VAL A 188 -1.68 -0.30 -13.18
CA VAL A 188 -1.74 0.56 -12.01
C VAL A 188 -0.66 1.63 -12.14
N GLY A 189 -0.95 2.84 -11.69
CA GLY A 189 0.04 3.89 -11.64
C GLY A 189 0.14 4.48 -10.26
N GLY A 190 1.36 4.87 -9.89
CA GLY A 190 1.61 5.51 -8.59
C GLY A 190 3.07 5.93 -8.54
N ASN A 191 3.41 6.66 -7.46
CA ASN A 191 2.51 7.01 -6.37
C ASN A 191 2.11 8.49 -6.39
N VAL A 192 0.93 8.78 -5.86
CA VAL A 192 0.42 10.15 -5.79
C VAL A 192 -0.02 10.43 -4.36
N ALA A 193 -0.20 11.72 -4.07
CA ALA A 193 -0.67 12.11 -2.75
C ALA A 193 -1.64 13.28 -2.82
N THR A 194 -2.16 13.61 -4.01
CA THR A 194 -3.08 14.74 -4.18
C THR A 194 -4.24 14.34 -5.07
N ARG A 195 -5.32 15.11 -4.97
CA ARG A 195 -6.46 14.94 -5.84
C ARG A 195 -6.10 15.16 -7.31
N SER A 196 -5.33 16.21 -7.59
N SER A 196 -5.33 16.21 -7.59
CA SER A 196 -4.99 16.53 -8.98
CA SER A 196 -4.98 16.52 -8.98
C SER A 196 -4.10 15.44 -9.59
C SER A 196 -4.11 15.43 -9.58
N ALA A 197 -3.17 14.90 -8.81
CA ALA A 197 -2.31 13.84 -9.32
C ALA A 197 -3.09 12.56 -9.57
N ALA A 198 -4.00 12.20 -8.65
CA ALA A 198 -4.87 11.05 -8.87
C ALA A 198 -5.73 11.25 -10.12
N ALA A 199 -6.29 12.45 -10.31
CA ALA A 199 -7.11 12.71 -11.48
C ALA A 199 -6.31 12.56 -12.76
N ALA A 200 -5.04 12.95 -12.73
CA ALA A 200 -4.20 12.84 -13.92
C ALA A 200 -3.98 11.38 -14.30
N LEU A 201 -3.82 10.51 -13.30
CA LEU A 201 -3.65 9.08 -13.58
C LEU A 201 -4.96 8.46 -14.08
N VAL A 202 -6.08 8.89 -13.52
CA VAL A 202 -7.39 8.44 -14.02
C VAL A 202 -7.54 8.80 -15.49
N ASP A 203 -7.22 10.04 -15.84
CA ASP A 203 -7.34 10.49 -17.23
C ASP A 203 -6.37 9.76 -18.14
N ALA A 204 -5.24 9.32 -17.62
CA ALA A 204 -4.30 8.55 -18.42
C ALA A 204 -4.75 7.12 -18.65
N GLY A 205 -5.80 6.68 -17.94
CA GLY A 205 -6.35 5.35 -18.13
C GLY A 205 -5.99 4.33 -17.08
N ALA A 206 -5.48 4.76 -15.93
CA ALA A 206 -5.08 3.82 -14.89
C ALA A 206 -6.27 2.97 -14.44
N ASP A 207 -6.03 1.67 -14.26
CA ASP A 207 -7.04 0.78 -13.71
C ASP A 207 -7.08 0.81 -12.18
N ALA A 208 -6.06 1.41 -11.56
CA ALA A 208 -6.05 1.72 -10.14
C ALA A 208 -4.98 2.78 -9.92
N VAL A 209 -5.15 3.52 -8.82
CA VAL A 209 -4.23 4.60 -8.45
C VAL A 209 -3.65 4.30 -7.08
N LYS A 210 -2.32 4.34 -6.99
CA LYS A 210 -1.65 3.96 -5.75
C LYS A 210 -1.21 5.22 -5.01
N VAL A 211 -1.57 5.32 -3.74
CA VAL A 211 -1.44 6.57 -2.99
C VAL A 211 -0.40 6.42 -1.90
N GLY A 212 0.55 7.36 -1.86
CA GLY A 212 1.52 7.42 -0.77
C GLY A 212 2.82 8.08 -1.20
N VAL A 213 3.04 9.31 -0.75
CA VAL A 213 4.31 9.99 -0.98
C VAL A 213 4.84 10.40 0.39
N GLY A 214 5.86 9.69 0.86
CA GLY A 214 6.40 9.96 2.17
C GLY A 214 6.07 9.06 3.36
N PRO A 215 4.97 8.29 3.35
CA PRO A 215 4.54 7.65 4.60
C PRO A 215 5.25 6.36 4.96
N GLY A 216 6.05 5.78 4.06
CA GLY A 216 6.56 4.45 4.30
C GLY A 216 7.49 4.39 5.51
N SER A 217 7.48 3.25 6.19
CA SER A 217 8.24 3.11 7.42
C SER A 217 9.74 3.30 7.20
N ILE A 218 10.23 2.97 6.01
CA ILE A 218 11.65 3.09 5.68
C ILE A 218 11.94 4.30 4.80
N CYS A 219 10.95 5.17 4.61
CA CYS A 219 11.07 6.31 3.71
C CYS A 219 11.71 7.48 4.43
N THR A 220 12.62 8.18 3.75
CA THR A 220 13.17 9.42 4.29
C THR A 220 12.89 10.61 3.39
N THR A 221 11.99 10.48 2.42
CA THR A 221 11.61 11.61 1.58
C THR A 221 11.18 12.82 2.41
N ARG A 222 10.44 12.58 3.49
CA ARG A 222 9.93 13.72 4.24
C ARG A 222 11.04 14.50 4.91
N VAL A 223 12.16 13.88 5.25
N VAL A 223 12.14 13.84 5.24
CA VAL A 223 13.25 14.65 5.84
CA VAL A 223 13.28 14.49 5.87
C VAL A 223 14.30 15.05 4.79
C VAL A 223 14.30 14.99 4.83
N VAL A 224 14.52 14.20 3.79
CA VAL A 224 15.54 14.52 2.77
C VAL A 224 15.04 15.61 1.83
N ALA A 225 13.81 15.47 1.36
CA ALA A 225 13.22 16.44 0.44
C ALA A 225 12.27 17.41 1.14
N GLY A 226 11.79 17.06 2.33
CA GLY A 226 10.80 17.91 2.97
C GLY A 226 9.42 17.77 2.37
N VAL A 227 9.16 16.67 1.66
CA VAL A 227 7.98 16.49 0.83
C VAL A 227 7.17 15.32 1.37
N GLY A 228 5.85 15.49 1.40
CA GLY A 228 5.01 14.36 1.76
C GLY A 228 3.58 14.80 1.97
N ALA A 229 2.76 13.81 2.33
CA ALA A 229 1.38 14.11 2.67
C ALA A 229 0.88 13.04 3.64
N PRO A 230 0.45 13.43 4.83
CA PRO A 230 -0.16 12.47 5.77
C PRO A 230 -1.21 11.61 5.08
N GLN A 231 -1.19 10.31 5.36
N GLN A 231 -1.18 10.30 5.36
CA GLN A 231 -1.80 9.33 4.46
CA GLN A 231 -1.81 9.33 4.48
C GLN A 231 -3.33 9.31 4.50
C GLN A 231 -3.34 9.43 4.48
N ILE A 232 -3.97 9.64 5.64
CA ILE A 232 -5.43 9.65 5.66
C ILE A 232 -5.96 10.77 4.76
N THR A 233 -5.36 11.96 4.87
CA THR A 233 -5.73 13.06 3.99
C THR A 233 -5.38 12.77 2.53
N ALA A 234 -4.19 12.19 2.29
CA ALA A 234 -3.81 11.81 0.92
C ALA A 234 -4.85 10.87 0.31
N ILE A 235 -5.30 9.87 1.08
CA ILE A 235 -6.30 8.94 0.57
C ILE A 235 -7.62 9.66 0.32
N LEU A 236 -8.07 10.47 1.28
CA LEU A 236 -9.35 11.19 1.11
C LEU A 236 -9.33 12.04 -0.16
N GLU A 237 -8.21 12.71 -0.43
CA GLU A 237 -8.11 13.55 -1.62
C GLU A 237 -8.05 12.73 -2.88
N ALA A 238 -7.26 11.65 -2.88
CA ALA A 238 -7.16 10.82 -4.08
C ALA A 238 -8.49 10.17 -4.39
N VAL A 239 -9.19 9.71 -3.35
CA VAL A 239 -10.50 9.10 -3.51
C VAL A 239 -11.50 10.09 -4.07
N ALA A 240 -11.35 11.38 -3.72
CA ALA A 240 -12.27 12.36 -4.28
C ALA A 240 -12.15 12.47 -5.80
N ALA A 241 -10.99 12.13 -6.36
CA ALA A 241 -10.84 12.07 -7.80
C ALA A 241 -11.17 10.69 -8.38
N CYS A 242 -10.77 9.62 -7.69
CA CYS A 242 -10.85 8.28 -8.27
C CYS A 242 -12.22 7.65 -8.11
N ARG A 243 -12.82 7.79 -6.93
CA ARG A 243 -14.12 7.16 -6.70
C ARG A 243 -15.17 7.58 -7.71
N PRO A 244 -15.34 8.87 -8.03
CA PRO A 244 -16.35 9.23 -9.02
C PRO A 244 -16.04 8.70 -10.41
N ALA A 245 -14.79 8.34 -10.69
CA ALA A 245 -14.42 7.73 -11.96
C ALA A 245 -14.45 6.21 -11.91
N GLY A 246 -14.83 5.62 -10.77
CA GLY A 246 -14.86 4.17 -10.63
C GLY A 246 -13.49 3.52 -10.62
N VAL A 247 -12.46 4.23 -10.20
CA VAL A 247 -11.09 3.74 -10.21
C VAL A 247 -10.68 3.41 -8.78
N PRO A 248 -10.31 2.17 -8.47
CA PRO A 248 -9.93 1.84 -7.09
C PRO A 248 -8.62 2.51 -6.67
N VAL A 249 -8.51 2.78 -5.38
CA VAL A 249 -7.33 3.38 -4.78
C VAL A 249 -6.64 2.35 -3.90
N ILE A 250 -5.33 2.18 -4.11
CA ILE A 250 -4.47 1.35 -3.28
C ILE A 250 -3.76 2.26 -2.30
N ALA A 251 -3.99 2.07 -1.00
CA ALA A 251 -3.30 2.84 0.03
C ALA A 251 -1.95 2.19 0.33
N ASP A 252 -0.86 2.88 0.01
CA ASP A 252 0.48 2.29 0.02
C ASP A 252 1.40 3.03 1.00
N GLY A 253 1.74 2.39 2.11
CA GLY A 253 2.78 2.89 3.00
C GLY A 253 2.21 3.44 4.31
N GLY A 254 2.99 3.30 5.38
CA GLY A 254 2.62 3.87 6.67
C GLY A 254 1.70 3.04 7.53
N LEU A 255 1.22 1.89 7.05
CA LEU A 255 0.33 1.06 7.85
C LEU A 255 1.17 0.23 8.81
N GLN A 256 0.92 0.36 10.11
CA GLN A 256 1.74 -0.36 11.07
C GLN A 256 0.95 -1.30 11.95
N TYR A 257 -0.38 -1.24 11.88
CA TYR A 257 -1.25 -2.08 12.69
C TYR A 257 -2.40 -2.54 11.81
N SER A 258 -3.03 -3.65 12.21
CA SER A 258 -4.18 -4.12 11.44
C SER A 258 -5.29 -3.09 11.42
N GLY A 259 -5.42 -2.30 12.50
CA GLY A 259 -6.43 -1.24 12.50
C GLY A 259 -6.18 -0.19 11.44
N ASP A 260 -4.92 -0.01 11.02
CA ASP A 260 -4.64 0.96 9.97
C ASP A 260 -5.22 0.51 8.63
N ILE A 261 -5.33 -0.80 8.42
CA ILE A 261 -6.00 -1.30 7.22
C ILE A 261 -7.44 -0.81 7.19
N ALA A 262 -8.17 -1.01 8.29
CA ALA A 262 -9.55 -0.54 8.35
C ALA A 262 -9.66 0.96 8.13
N LYS A 263 -8.73 1.73 8.73
CA LYS A 263 -8.80 3.19 8.56
C LYS A 263 -8.57 3.60 7.12
N ALA A 264 -7.59 2.97 6.45
CA ALA A 264 -7.31 3.33 5.06
C ALA A 264 -8.52 3.04 4.16
N LEU A 265 -9.12 1.86 4.32
CA LEU A 265 -10.31 1.52 3.53
C LEU A 265 -11.48 2.43 3.88
N ALA A 266 -11.65 2.78 5.17
CA ALA A 266 -12.72 3.70 5.52
C ALA A 266 -12.52 5.07 4.90
N ALA A 267 -11.27 5.50 4.72
CA ALA A 267 -11.02 6.77 4.05
C ALA A 267 -11.30 6.69 2.55
N GLY A 268 -11.60 5.50 2.04
CA GLY A 268 -12.04 5.34 0.67
C GLY A 268 -11.15 4.47 -0.17
N ALA A 269 -9.97 4.05 0.32
CA ALA A 269 -9.15 3.12 -0.45
C ALA A 269 -9.88 1.79 -0.60
N SER A 270 -9.53 1.06 -1.66
CA SER A 270 -10.10 -0.28 -1.89
C SER A 270 -9.18 -1.41 -1.46
N THR A 271 -7.86 -1.18 -1.44
CA THR A 271 -6.91 -2.16 -0.92
C THR A 271 -5.79 -1.41 -0.22
N ALA A 272 -4.97 -2.14 0.53
CA ALA A 272 -3.80 -1.58 1.19
C ALA A 272 -2.57 -2.35 0.75
N MET A 273 -1.45 -1.65 0.55
CA MET A 273 -0.17 -2.27 0.23
C MET A 273 0.75 -2.19 1.44
N LEU A 274 1.38 -3.30 1.80
CA LEU A 274 2.11 -3.45 3.05
C LEU A 274 3.55 -3.82 2.76
N GLY A 275 4.48 -3.09 3.38
CA GLY A 275 5.88 -3.44 3.31
C GLY A 275 6.34 -3.99 4.65
N SER A 276 6.45 -3.09 5.63
CA SER A 276 6.95 -3.46 6.96
C SER A 276 6.17 -4.62 7.56
N LEU A 277 4.85 -4.59 7.47
CA LEU A 277 4.06 -5.60 8.17
C LEU A 277 4.26 -7.00 7.58
N LEU A 278 4.78 -7.09 6.36
CA LEU A 278 5.01 -8.37 5.70
C LEU A 278 6.49 -8.74 5.59
N ALA A 279 7.39 -7.76 5.70
CA ALA A 279 8.82 -8.03 5.61
C ALA A 279 9.30 -8.99 6.68
N GLY A 280 8.63 -9.04 7.82
CA GLY A 280 9.08 -9.97 8.83
C GLY A 280 8.66 -11.41 8.65
N THR A 281 8.06 -11.78 7.52
CA THR A 281 7.52 -13.13 7.39
C THR A 281 8.52 -14.08 6.75
N ALA A 282 8.27 -15.39 6.95
CA ALA A 282 9.14 -16.41 6.41
C ALA A 282 9.28 -16.28 4.90
N GLU A 283 8.22 -15.86 4.22
CA GLU A 283 8.23 -15.81 2.76
C GLU A 283 8.93 -14.58 2.21
N ALA A 284 9.16 -13.54 3.03
CA ALA A 284 9.86 -12.36 2.55
C ALA A 284 11.32 -12.72 2.26
N PRO A 285 11.89 -12.23 1.15
CA PRO A 285 13.28 -12.58 0.85
C PRO A 285 14.22 -11.83 1.79
N GLY A 286 15.45 -12.30 1.83
CA GLY A 286 16.44 -11.69 2.69
C GLY A 286 16.71 -12.51 3.94
N GLU A 287 17.74 -12.07 4.65
CA GLU A 287 18.33 -12.87 5.73
C GLU A 287 17.47 -12.88 6.97
N LEU A 288 17.34 -14.06 7.58
CA LEU A 288 16.79 -14.21 8.92
C LEU A 288 17.93 -14.00 9.92
N ILE A 289 17.82 -12.95 10.72
CA ILE A 289 18.91 -12.48 11.58
C ILE A 289 18.62 -12.84 13.03
N PHE A 290 19.52 -13.59 13.64
CA PHE A 290 19.46 -13.92 15.06
C PHE A 290 20.44 -13.01 15.79
N VAL A 291 19.93 -11.96 16.41
CA VAL A 291 20.79 -11.02 17.14
C VAL A 291 20.28 -10.91 18.57
N ASN A 292 21.22 -10.91 19.52
CA ASN A 292 20.96 -10.88 20.96
C ASN A 292 19.71 -11.67 21.34
N GLY A 293 19.67 -12.93 20.94
CA GLY A 293 18.65 -13.86 21.37
C GLY A 293 17.33 -13.78 20.65
N LYS A 294 17.11 -12.78 19.81
CA LYS A 294 15.84 -12.61 19.11
C LYS A 294 16.06 -12.72 17.61
N GLN A 295 14.96 -12.67 16.86
CA GLN A 295 14.99 -12.94 15.43
C GLN A 295 14.45 -11.76 14.65
N TYR A 296 15.19 -11.36 13.61
CA TYR A 296 14.84 -10.23 12.76
C TYR A 296 15.06 -10.61 11.31
N LYS A 297 14.54 -9.77 10.42
CA LYS A 297 14.83 -9.88 9.00
C LYS A 297 15.14 -8.51 8.44
N SER A 298 16.04 -8.47 7.46
CA SER A 298 16.40 -7.23 6.78
C SER A 298 15.20 -6.61 6.08
N TYR A 299 15.09 -5.30 6.16
CA TYR A 299 14.03 -4.55 5.48
C TYR A 299 14.60 -3.19 5.11
N ARG A 300 14.54 -2.82 3.83
CA ARG A 300 15.23 -1.63 3.36
C ARG A 300 14.39 -0.94 2.29
N GLY A 301 14.46 0.38 2.28
CA GLY A 301 13.82 1.12 1.20
C GLY A 301 14.48 0.83 -0.13
N MET A 302 13.69 0.88 -1.19
CA MET A 302 14.25 0.72 -2.53
C MET A 302 15.01 1.94 -3.00
N GLY A 303 14.83 3.08 -2.32
CA GLY A 303 15.62 4.28 -2.49
C GLY A 303 16.76 4.38 -1.51
N SER A 304 17.06 3.31 -0.79
CA SER A 304 18.20 3.32 0.11
C SER A 304 19.49 3.09 -0.67
N LEU A 305 20.61 3.46 -0.03
CA LEU A 305 21.91 3.31 -0.68
C LEU A 305 22.17 1.86 -1.07
N GLY A 306 21.80 0.92 -0.20
CA GLY A 306 22.07 -0.48 -0.49
C GLY A 306 21.23 -1.03 -1.63
N ALA A 307 19.97 -0.60 -1.72
CA ALA A 307 19.11 -1.09 -2.80
C ALA A 307 19.48 -0.47 -4.15
N MET A 308 19.90 0.80 -4.15
CA MET A 308 20.31 1.41 -5.42
C MET A 308 21.65 0.90 -5.88
N ARG A 309 22.42 0.25 -5.01
CA ARG A 309 23.67 -0.37 -5.40
C ARG A 309 23.53 -1.88 -5.43
N LEU A 333 21.58 10.47 -7.36
CA LEU A 333 20.55 10.89 -6.42
C LEU A 333 20.94 10.53 -4.99
N VAL A 334 20.61 11.40 -4.05
CA VAL A 334 20.83 11.11 -2.63
C VAL A 334 19.76 10.12 -2.22
N PRO A 335 20.01 9.23 -1.26
CA PRO A 335 19.00 8.23 -0.90
C PRO A 335 17.76 8.86 -0.32
N GLU A 336 16.62 8.19 -0.53
CA GLU A 336 15.36 8.56 0.10
C GLU A 336 14.76 7.39 0.87
N GLY A 337 15.62 6.49 1.35
CA GLY A 337 15.18 5.40 2.20
C GLY A 337 16.32 4.91 3.07
N ILE A 338 15.96 4.13 4.10
CA ILE A 338 16.95 3.58 5.02
C ILE A 338 16.99 2.07 4.86
N GLU A 339 18.06 1.49 5.40
CA GLU A 339 18.24 0.04 5.48
C GLU A 339 18.12 -0.34 6.94
N GLY A 340 17.21 -1.27 7.23
CA GLY A 340 17.03 -1.66 8.61
C GLY A 340 16.59 -3.10 8.79
N ARG A 341 15.87 -3.34 9.88
CA ARG A 341 15.44 -4.70 10.20
C ARG A 341 14.10 -4.61 10.93
N VAL A 342 13.33 -5.69 10.81
CA VAL A 342 12.04 -5.81 11.49
C VAL A 342 12.03 -7.15 12.23
N PRO A 343 11.23 -7.26 13.30
CA PRO A 343 11.15 -8.54 14.00
C PRO A 343 10.57 -9.63 13.12
N PHE A 344 11.08 -10.85 13.30
CA PHE A 344 10.57 -12.00 12.59
C PHE A 344 9.16 -12.32 13.07
N ARG A 345 8.25 -12.56 12.13
CA ARG A 345 6.84 -12.73 12.46
C ARG A 345 6.26 -14.07 12.01
N GLY A 346 7.06 -14.99 11.51
CA GLY A 346 6.57 -16.30 11.17
C GLY A 346 5.92 -16.37 9.80
N PRO A 347 5.09 -17.39 9.59
CA PRO A 347 4.51 -17.59 8.25
C PRO A 347 3.58 -16.47 7.83
N LEU A 348 3.63 -16.14 6.54
CA LEU A 348 2.76 -15.11 5.99
C LEU A 348 1.30 -15.40 6.29
N SER A 349 0.88 -16.65 6.07
CA SER A 349 -0.52 -17.01 6.27
C SER A 349 -1.00 -16.59 7.65
N SER A 350 -0.16 -16.77 8.67
CA SER A 350 -0.57 -16.41 10.02
C SER A 350 -0.65 -14.89 10.20
N VAL A 351 0.28 -14.15 9.59
CA VAL A 351 0.22 -12.69 9.68
C VAL A 351 -1.03 -12.17 8.99
N ILE A 352 -1.32 -12.68 7.79
CA ILE A 352 -2.50 -12.23 7.06
C ILE A 352 -3.76 -12.55 7.85
N HIS A 353 -3.80 -13.73 8.49
CA HIS A 353 -4.96 -14.05 9.31
C HIS A 353 -5.15 -13.04 10.44
N GLN A 354 -4.08 -12.60 11.08
CA GLN A 354 -4.21 -11.60 12.14
C GLN A 354 -4.65 -10.25 11.58
N LEU A 355 -4.07 -9.84 10.46
CA LEU A 355 -4.47 -8.58 9.86
C LEU A 355 -5.92 -8.60 9.42
N THR A 356 -6.36 -9.68 8.76
CA THR A 356 -7.74 -9.72 8.31
C THR A 356 -8.70 -9.85 9.49
N GLY A 357 -8.26 -10.50 10.57
CA GLY A 357 -9.11 -10.58 11.75
C GLY A 357 -9.36 -9.21 12.36
N GLY A 358 -8.34 -8.36 12.38
CA GLY A 358 -8.52 -6.99 12.84
C GLY A 358 -9.44 -6.20 11.94
N LEU A 359 -9.28 -6.36 10.62
CA LEU A 359 -10.21 -5.74 9.68
C LEU A 359 -11.64 -6.23 9.90
N ARG A 360 -11.83 -7.54 10.09
CA ARG A 360 -13.18 -8.06 10.36
C ARG A 360 -13.78 -7.45 11.63
N ALA A 361 -12.96 -7.25 12.66
CA ALA A 361 -13.46 -6.64 13.89
C ALA A 361 -13.95 -5.22 13.63
N ALA A 362 -13.15 -4.45 12.88
CA ALA A 362 -13.58 -3.12 12.47
C ALA A 362 -14.90 -3.16 11.72
N MET A 363 -15.08 -4.14 10.83
CA MET A 363 -16.34 -4.21 10.11
C MET A 363 -17.49 -4.52 11.05
N GLY A 364 -17.24 -5.35 12.07
CA GLY A 364 -18.27 -5.59 13.07
C GLY A 364 -18.65 -4.33 13.83
N TYR A 365 -17.64 -3.56 14.26
CA TYR A 365 -17.90 -2.35 15.05
C TYR A 365 -18.62 -1.28 14.23
N THR A 366 -18.30 -1.17 12.95
CA THR A 366 -18.82 -0.09 12.11
C THR A 366 -20.10 -0.49 11.37
N GLY A 367 -20.55 -1.73 11.50
CA GLY A 367 -21.75 -2.18 10.81
C GLY A 367 -21.55 -2.31 9.32
N SER A 368 -20.36 -2.73 8.90
CA SER A 368 -19.99 -2.80 7.49
C SER A 368 -19.99 -4.27 7.03
N PRO A 369 -20.99 -4.72 6.28
CA PRO A 369 -20.98 -6.12 5.82
C PRO A 369 -19.98 -6.36 4.71
N THR A 370 -19.55 -5.30 4.04
CA THR A 370 -18.70 -5.35 2.87
C THR A 370 -17.71 -4.18 2.95
N ILE A 371 -16.63 -4.29 2.17
CA ILE A 371 -15.67 -3.18 2.16
C ILE A 371 -16.32 -1.91 1.61
N GLU A 372 -17.26 -2.07 0.67
CA GLU A 372 -17.93 -0.90 0.10
C GLU A 372 -18.68 -0.11 1.18
N VAL A 373 -19.27 -0.81 2.17
CA VAL A 373 -19.91 -0.10 3.28
C VAL A 373 -18.86 0.47 4.23
N LEU A 374 -17.76 -0.25 4.46
CA LEU A 374 -16.70 0.27 5.33
C LEU A 374 -16.16 1.60 4.81
N GLN A 375 -16.14 1.75 3.48
CA GLN A 375 -15.72 3.00 2.85
C GLN A 375 -16.61 4.18 3.19
N GLN A 376 -17.77 3.93 3.81
CA GLN A 376 -18.71 4.97 4.23
C GLN A 376 -18.63 5.29 5.71
N ALA A 377 -17.71 4.68 6.46
CA ALA A 377 -17.65 4.85 7.90
C ALA A 377 -17.12 6.24 8.24
N GLN A 378 -17.36 6.65 9.48
CA GLN A 378 -16.91 7.95 9.95
C GLN A 378 -15.76 7.80 10.93
N PHE A 379 -14.91 8.82 10.95
CA PHE A 379 -13.81 8.96 11.90
C PHE A 379 -14.17 9.92 13.02
N VAL A 380 -13.50 9.72 14.17
CA VAL A 380 -13.32 10.78 15.17
C VAL A 380 -11.84 11.13 15.18
N ARG A 381 -11.54 12.43 15.21
CA ARG A 381 -10.15 12.86 15.29
C ARG A 381 -9.70 12.84 16.74
N ILE A 382 -8.45 12.45 16.98
CA ILE A 382 -7.97 12.38 18.35
C ILE A 382 -6.79 13.33 18.54
N THR A 383 -6.54 13.64 19.81
CA THR A 383 -5.43 14.50 20.23
C THR A 383 -4.22 13.64 20.58
N PRO A 384 -3.07 14.24 20.86
CA PRO A 384 -1.94 13.42 21.33
C PRO A 384 -2.24 12.61 22.59
N ALA A 385 -3.07 13.13 23.50
CA ALA A 385 -3.46 12.34 24.68
C ALA A 385 -4.35 11.18 24.30
N GLY A 386 -5.17 11.34 23.27
CA GLY A 386 -6.00 10.24 22.81
C GLY A 386 -5.17 9.11 22.22
N LEU A 387 -4.00 9.44 21.67
CA LEU A 387 -3.13 8.40 21.13
C LEU A 387 -2.63 7.48 22.23
N LYS A 388 -2.43 8.01 23.44
CA LYS A 388 -1.99 7.17 24.56
C LYS A 388 -3.13 6.29 25.07
N GLU A 389 -4.34 6.84 25.19
CA GLU A 389 -5.50 6.01 25.54
C GLU A 389 -5.82 5.00 24.46
N SER A 390 -5.39 5.23 23.22
CA SER A 390 -5.69 4.33 22.11
C SER A 390 -4.72 3.15 22.03
N HIS A 391 -3.58 3.25 22.63
CA HIS A 391 -2.70 2.13 22.84
C HIS A 391 -2.87 1.62 24.27
N PRO A 392 -2.56 0.35 24.55
CA PRO A 392 -2.55 -0.10 25.95
C PRO A 392 -1.56 0.71 26.77
N HIS A 393 -1.98 1.08 27.98
CA HIS A 393 -1.26 2.07 28.77
C HIS A 393 -1.25 1.68 30.23
N ASP A 394 -0.22 2.12 30.94
CA ASP A 394 -0.13 2.01 32.41
C ASP A 394 -0.15 0.56 32.89
N VAL A 395 0.28 -0.36 32.04
CA VAL A 395 0.41 -1.77 32.40
C VAL A 395 1.69 -2.31 31.79
N ALA A 396 2.43 -3.10 32.57
CA ALA A 396 3.59 -3.81 32.04
C ALA A 396 3.09 -5.06 31.34
N MET A 397 3.23 -5.10 30.01
CA MET A 397 2.81 -6.27 29.24
C MET A 397 3.76 -7.43 29.51
N THR A 398 3.21 -8.56 29.94
CA THR A 398 4.01 -9.70 30.38
C THR A 398 3.89 -10.93 29.46
N VAL A 399 2.91 -10.95 28.55
CA VAL A 399 2.69 -12.10 27.69
C VAL A 399 2.62 -11.62 26.24
N GLU A 400 3.13 -12.44 25.33
CA GLU A 400 3.11 -12.12 23.91
C GLU A 400 1.68 -12.10 23.38
N ALA A 401 1.38 -11.11 22.52
CA ALA A 401 0.14 -11.02 21.79
C ALA A 401 0.38 -11.21 20.30
N PRO A 402 -0.47 -11.96 19.59
CA PRO A 402 -0.21 -12.22 18.16
C PRO A 402 -0.39 -11.00 17.28
N ASN A 403 -1.23 -10.03 17.68
CA ASN A 403 -1.51 -8.85 16.86
C ASN A 403 -1.08 -7.54 17.52
N TYR A 404 -0.29 -7.60 18.60
CA TYR A 404 0.23 -6.40 19.21
C TYR A 404 1.62 -6.64 19.81
#